data_1T2D
#
_entry.id   1T2D
#
_cell.length_a   80.507
_cell.length_b   86.583
_cell.length_c   90.339
_cell.angle_alpha   90.00
_cell.angle_beta   90.00
_cell.angle_gamma   90.00
#
_symmetry.space_group_name_H-M   'I 2 2 2'
#
loop_
_entity.id
_entity.type
_entity.pdbx_description
1 polymer 'L-lactate dehydrogenase'
2 non-polymer 'OXALATE ION'
3 non-polymer NICOTINAMIDE-ADENINE-DINUCLEOTIDE
4 non-polymer GLYCEROL
5 water water
#
_entity_poly.entity_id   1
_entity_poly.type   'polypeptide(L)'
_entity_poly.pdbx_seq_one_letter_code
;MAPKAKIVLVGSGMIGGVMATLIVQKNLGDVVLFDIVKNMPHGKALDTSHTNVMAYSNCKVSGSNTYDDLAGADVVIVTA
GFTKAPGKSDKEWNRDDLLPLNNKIMIEIGGHIKKNCPNAFIIVVTNPVDVMVQLLHQHSGVPKNKIIGLGGVLDTSRLK
YYISQKLNVCPRDVNAHIVGAHGNKMVLLKRYITVGGIPLQEFINNKLISDAELEAIFDRTVNTALEIVNLHASPYVAPA
AAIIEMAESYLKDLKKVLICSTLLEGQYGHSDIFGGTPVVLGANGVEQVIELQLNSEEKAKFDEAIAETKRMKALAHHHH
HH
;
_entity_poly.pdbx_strand_id   A
#
loop_
_chem_comp.id
_chem_comp.type
_chem_comp.name
_chem_comp.formula
GOL non-polymer GLYCEROL 'C3 H8 O3'
NAD non-polymer NICOTINAMIDE-ADENINE-DINUCLEOTIDE 'C21 H27 N7 O14 P2'
OXL non-polymer 'OXALATE ION' 'C2 O4 -2'
#
# COMPACT_ATOMS: atom_id res chain seq x y z
N ALA A 2 -23.55 3.49 -10.83
CA ALA A 2 -24.14 4.28 -11.93
C ALA A 2 -23.13 4.67 -13.02
N PRO A 3 -22.55 3.69 -13.72
CA PRO A 3 -22.64 2.27 -13.37
C PRO A 3 -21.63 1.92 -12.28
N LYS A 4 -21.88 0.86 -11.54
CA LYS A 4 -20.97 0.46 -10.46
C LYS A 4 -19.54 0.29 -10.97
N ALA A 5 -18.57 0.71 -10.16
CA ALA A 5 -17.18 0.43 -10.43
C ALA A 5 -16.95 -1.07 -10.45
N LYS A 6 -16.01 -1.51 -11.29
CA LYS A 6 -15.53 -2.87 -11.31
C LYS A 6 -14.10 -2.84 -10.76
N ILE A 7 -13.88 -3.60 -9.69
CA ILE A 7 -12.61 -3.64 -8.99
C ILE A 7 -12.05 -5.05 -9.13
N VAL A 8 -10.92 -5.19 -9.82
CA VAL A 8 -10.30 -6.49 -10.01
C VAL A 8 -9.12 -6.63 -9.06
N LEU A 9 -9.20 -7.64 -8.21
CA LEU A 9 -8.16 -7.98 -7.26
C LEU A 9 -7.29 -9.05 -7.91
N VAL A 10 -6.15 -8.62 -8.44
CA VAL A 10 -5.20 -9.53 -9.06
C VAL A 10 -4.35 -10.10 -7.94
N GLY A 11 -4.74 -11.29 -7.50
CA GLY A 11 -4.25 -11.90 -6.28
C GLY A 11 -5.39 -12.01 -5.30
N SER A 12 -5.74 -13.25 -4.93
CA SER A 12 -6.87 -13.53 -4.05
C SER A 12 -6.43 -14.29 -2.80
N GLY A 13 -5.24 -13.96 -2.31
CA GLY A 13 -4.71 -14.53 -1.09
C GLY A 13 -5.20 -13.80 0.15
N MET A 14 -4.33 -13.65 1.14
CA MET A 14 -4.77 -13.11 2.42
C MET A 14 -5.23 -11.66 2.29
N ILE A 15 -4.47 -10.81 1.61
CA ILE A 15 -4.87 -9.43 1.45
C ILE A 15 -6.09 -9.34 0.53
N GLY A 16 -6.09 -10.10 -0.55
CA GLY A 16 -7.21 -10.14 -1.46
C GLY A 16 -8.53 -10.45 -0.75
N GLY A 17 -8.51 -11.43 0.14
CA GLY A 17 -9.71 -11.81 0.85
C GLY A 17 -10.26 -10.70 1.73
N VAL A 18 -9.38 -10.03 2.47
CA VAL A 18 -9.84 -8.96 3.35
C VAL A 18 -10.34 -7.79 2.51
N MET A 19 -9.67 -7.47 1.41
CA MET A 19 -10.13 -6.40 0.54
C MET A 19 -11.52 -6.65 0.01
N ALA A 20 -11.80 -7.87 -0.45
CA ALA A 20 -13.13 -8.20 -0.96
C ALA A 20 -14.18 -8.00 0.14
N THR A 21 -13.86 -8.44 1.35
CA THR A 21 -14.75 -8.26 2.49
C THR A 21 -15.06 -6.78 2.70
N LEU A 22 -14.03 -5.96 2.74
CA LEU A 22 -14.20 -4.53 3.01
C LEU A 22 -14.92 -3.81 1.88
N ILE A 23 -14.67 -4.22 0.64
CA ILE A 23 -15.36 -3.61 -0.50
C ILE A 23 -16.87 -3.83 -0.37
N VAL A 24 -17.28 -5.04 -0.01
CA VAL A 24 -18.71 -5.30 0.16
C VAL A 24 -19.26 -4.51 1.36
N GLN A 25 -18.52 -4.48 2.47
CA GLN A 25 -18.96 -3.70 3.64
C GLN A 25 -19.25 -2.25 3.26
N LYS A 26 -18.41 -1.69 2.41
CA LYS A 26 -18.48 -0.29 2.03
C LYS A 26 -19.26 -0.06 0.72
N ASN A 27 -19.76 -1.15 0.14
CA ASN A 27 -20.53 -1.10 -1.10
C ASN A 27 -19.79 -0.35 -2.21
N LEU A 28 -18.49 -0.60 -2.35
CA LEU A 28 -17.66 0.24 -3.22
C LEU A 28 -17.75 -0.10 -4.70
N GLY A 29 -18.07 -1.35 -5.02
CA GLY A 29 -18.18 -1.78 -6.40
C GLY A 29 -18.17 -3.28 -6.53
N ASP A 30 -18.43 -3.76 -7.73
CA ASP A 30 -18.31 -5.18 -8.03
C ASP A 30 -16.85 -5.61 -7.91
N VAL A 31 -16.64 -6.86 -7.52
CA VAL A 31 -15.33 -7.40 -7.21
C VAL A 31 -15.06 -8.65 -8.01
N VAL A 32 -13.88 -8.73 -8.60
CA VAL A 32 -13.35 -9.97 -9.15
C VAL A 32 -12.14 -10.37 -8.32
N LEU A 33 -12.22 -11.55 -7.71
CA LEU A 33 -11.08 -12.18 -7.05
C LEU A 33 -10.40 -13.06 -8.09
N PHE A 34 -9.32 -12.53 -8.68
CA PHE A 34 -8.54 -13.25 -9.68
C PHE A 34 -7.32 -13.89 -9.01
N ASP A 35 -7.02 -15.12 -9.40
CA ASP A 35 -5.83 -15.80 -8.93
C ASP A 35 -5.44 -16.85 -9.95
N ILE A 36 -4.19 -17.30 -9.87
CA ILE A 36 -3.76 -18.44 -10.67
C ILE A 36 -4.19 -19.78 -10.04
N VAL A 37 -4.48 -19.78 -8.73
CA VAL A 37 -4.90 -20.99 -8.03
C VAL A 37 -6.33 -21.34 -8.45
N LYS A 38 -6.54 -22.60 -8.82
CA LYS A 38 -7.86 -23.09 -9.20
C LYS A 38 -8.77 -23.21 -7.98
N ASN A 39 -10.05 -22.92 -8.19
CA ASN A 39 -11.12 -23.13 -7.21
C ASN A 39 -11.17 -22.13 -6.05
N MET A 40 -10.01 -21.89 -5.44
CA MET A 40 -9.92 -21.02 -4.27
C MET A 40 -10.60 -19.66 -4.44
N PRO A 41 -10.31 -18.89 -5.49
CA PRO A 41 -10.96 -17.57 -5.60
C PRO A 41 -12.48 -17.66 -5.72
N HIS A 42 -12.97 -18.71 -6.38
CA HIS A 42 -14.40 -18.94 -6.51
C HIS A 42 -15.04 -19.22 -5.14
N GLY A 43 -14.34 -19.96 -4.29
CA GLY A 43 -14.82 -20.25 -2.96
C GLY A 43 -14.87 -19.01 -2.08
N LYS A 44 -13.80 -18.23 -2.10
CA LYS A 44 -13.76 -16.98 -1.35
C LYS A 44 -14.82 -16.01 -1.85
N ALA A 45 -15.01 -15.93 -3.16
CA ALA A 45 -16.00 -15.04 -3.74
C ALA A 45 -17.40 -15.42 -3.30
N LEU A 46 -17.70 -16.72 -3.32
CA LEU A 46 -19.03 -17.18 -2.94
C LEU A 46 -19.31 -16.84 -1.47
N ASP A 47 -18.39 -17.19 -0.59
CA ASP A 47 -18.48 -16.88 0.84
C ASP A 47 -18.72 -15.38 1.04
N THR A 48 -17.91 -14.58 0.38
CA THR A 48 -17.97 -13.13 0.56
C THR A 48 -19.26 -12.54 0.01
N SER A 49 -19.76 -13.09 -1.09
CA SER A 49 -20.95 -12.54 -1.74
C SER A 49 -22.16 -12.54 -0.80
N HIS A 50 -22.25 -13.52 0.09
CA HIS A 50 -23.40 -13.61 0.99
C HIS A 50 -23.47 -12.42 1.95
N THR A 51 -22.34 -11.79 2.21
CA THR A 51 -22.31 -10.66 3.12
C THR A 51 -23.00 -9.42 2.57
N ASN A 52 -23.36 -9.40 1.29
CA ASN A 52 -24.21 -8.33 0.79
C ASN A 52 -25.49 -8.19 1.62
N VAL A 53 -26.03 -9.31 2.09
CA VAL A 53 -27.26 -9.27 2.87
C VAL A 53 -27.01 -8.58 4.21
N MET A 54 -26.01 -9.05 4.95
CA MET A 54 -25.69 -8.50 6.25
C MET A 54 -25.31 -7.03 6.14
N ALA A 55 -24.66 -6.65 5.04
CA ALA A 55 -24.13 -5.29 4.87
C ALA A 55 -25.08 -4.31 4.20
N TYR A 56 -26.24 -4.79 3.74
CA TYR A 56 -27.16 -4.01 2.90
C TYR A 56 -26.48 -3.42 1.67
N SER A 57 -25.64 -4.22 1.05
CA SER A 57 -24.89 -3.82 -0.13
C SER A 57 -25.40 -4.56 -1.36
N ASN A 58 -24.91 -4.14 -2.52
CA ASN A 58 -25.23 -4.81 -3.76
C ASN A 58 -24.00 -4.83 -4.68
N CYS A 59 -22.99 -5.60 -4.28
CA CYS A 59 -21.75 -5.77 -5.04
C CYS A 59 -21.61 -7.23 -5.44
N LYS A 60 -21.47 -7.49 -6.73
CA LYS A 60 -21.13 -8.83 -7.18
C LYS A 60 -19.74 -9.18 -6.68
N VAL A 61 -19.52 -10.45 -6.36
CA VAL A 61 -18.20 -10.94 -6.04
C VAL A 61 -18.02 -12.26 -6.78
N SER A 62 -17.11 -12.29 -7.73
CA SER A 62 -16.85 -13.51 -8.51
C SER A 62 -15.38 -13.86 -8.44
N GLY A 63 -15.10 -15.15 -8.61
CA GLY A 63 -13.75 -15.64 -8.72
C GLY A 63 -13.36 -15.76 -10.17
N SER A 64 -12.06 -15.79 -10.44
CA SER A 64 -11.57 -15.89 -11.80
C SER A 64 -10.17 -16.48 -11.86
N ASN A 65 -9.92 -17.30 -12.87
CA ASN A 65 -8.57 -17.68 -13.28
C ASN A 65 -8.22 -17.14 -14.67
N THR A 66 -9.06 -16.24 -15.20
CA THR A 66 -8.95 -15.80 -16.59
C THR A 66 -8.54 -14.33 -16.66
N TYR A 67 -7.36 -14.07 -17.21
CA TYR A 67 -6.81 -12.71 -17.22
C TYR A 67 -7.71 -11.73 -17.95
N ASP A 68 -8.47 -12.21 -18.94
CA ASP A 68 -9.34 -11.33 -19.73
C ASP A 68 -10.45 -10.69 -18.88
N ASP A 69 -10.69 -11.20 -17.68
CA ASP A 69 -11.64 -10.55 -16.78
C ASP A 69 -11.16 -9.18 -16.28
N LEU A 70 -9.92 -8.82 -16.59
CA LEU A 70 -9.45 -7.47 -16.39
C LEU A 70 -10.17 -6.46 -17.27
N ALA A 71 -10.70 -6.91 -18.41
CA ALA A 71 -11.45 -6.02 -19.29
C ALA A 71 -12.61 -5.40 -18.52
N GLY A 72 -12.76 -4.09 -18.64
CA GLY A 72 -13.81 -3.36 -17.94
C GLY A 72 -13.43 -2.89 -16.54
N ALA A 73 -12.23 -3.21 -16.06
CA ALA A 73 -11.84 -2.83 -14.71
C ALA A 73 -11.66 -1.32 -14.59
N ASP A 74 -12.21 -0.75 -13.52
CA ASP A 74 -11.96 0.64 -13.16
C ASP A 74 -10.78 0.79 -12.22
N VAL A 75 -10.62 -0.19 -11.33
CA VAL A 75 -9.52 -0.23 -10.38
C VAL A 75 -8.95 -1.64 -10.40
N VAL A 76 -7.62 -1.74 -10.44
CA VAL A 76 -6.93 -3.01 -10.38
C VAL A 76 -5.96 -2.96 -9.21
N ILE A 77 -6.07 -3.93 -8.31
CA ILE A 77 -5.22 -3.99 -7.13
C ILE A 77 -4.38 -5.26 -7.21
N VAL A 78 -3.07 -5.07 -7.28
CA VAL A 78 -2.15 -6.18 -7.53
C VAL A 78 -1.46 -6.60 -6.24
N THR A 79 -1.89 -7.72 -5.69
CA THR A 79 -1.23 -8.36 -4.56
C THR A 79 -0.57 -9.68 -4.95
N ALA A 80 -0.66 -10.05 -6.23
CA ALA A 80 -0.12 -11.32 -6.71
C ALA A 80 1.35 -11.45 -6.37
N GLY A 81 1.72 -12.62 -5.85
CA GLY A 81 3.10 -12.90 -5.51
C GLY A 81 3.29 -13.50 -4.14
N PHE A 82 4.56 -13.70 -3.81
CA PHE A 82 4.98 -14.41 -2.61
C PHE A 82 5.20 -13.46 -1.45
N THR A 83 4.99 -13.97 -0.24
CA THR A 83 5.25 -13.24 1.00
C THR A 83 6.54 -13.68 1.68
N LYS A 84 7.09 -14.82 1.30
CA LYS A 84 8.35 -15.29 1.85
C LYS A 84 9.15 -16.04 0.79
N ALA A 85 10.46 -16.08 0.99
CA ALA A 85 11.37 -16.75 0.08
C ALA A 85 11.68 -18.15 0.62
N PRO A 86 11.74 -19.15 -0.27
CA PRO A 86 12.05 -20.52 0.15
C PRO A 86 13.37 -20.62 0.89
N GLY A 87 13.40 -21.37 1.99
CA GLY A 87 14.62 -21.60 2.76
C GLY A 87 14.87 -20.60 3.87
N LYS A 88 14.24 -19.43 3.80
CA LYS A 88 14.44 -18.39 4.80
C LYS A 88 13.56 -18.64 6.02
N SER A 89 14.13 -18.48 7.20
CA SER A 89 13.39 -18.55 8.46
C SER A 89 12.58 -17.28 8.65
N ASP A 90 11.62 -17.32 9.57
CA ASP A 90 10.82 -16.14 9.90
C ASP A 90 11.69 -15.04 10.50
N LYS A 91 12.72 -15.41 11.23
CA LYS A 91 13.60 -14.44 11.88
C LYS A 91 14.38 -13.62 10.84
N GLU A 92 14.71 -14.24 9.71
CA GLU A 92 15.44 -13.55 8.64
C GLU A 92 14.54 -13.07 7.50
N TRP A 93 13.25 -12.95 7.77
CA TRP A 93 12.30 -12.42 6.79
C TRP A 93 12.71 -11.01 6.38
N ASN A 94 12.75 -10.79 5.07
CA ASN A 94 13.13 -9.51 4.50
C ASN A 94 12.44 -9.36 3.14
N ARG A 95 11.76 -8.25 2.94
CA ARG A 95 11.02 -8.00 1.70
C ARG A 95 11.92 -8.04 0.47
N ASP A 96 13.20 -7.70 0.63
CA ASP A 96 14.15 -7.71 -0.49
C ASP A 96 14.23 -9.08 -1.15
N ASP A 97 14.12 -10.14 -0.34
CA ASP A 97 14.26 -11.50 -0.84
C ASP A 97 13.09 -11.97 -1.71
N LEU A 98 12.03 -11.18 -1.75
CA LEU A 98 10.87 -11.48 -2.60
C LEU A 98 11.09 -11.01 -4.03
N LEU A 99 12.11 -10.20 -4.26
CA LEU A 99 12.40 -9.63 -5.58
C LEU A 99 12.45 -10.65 -6.73
N PRO A 100 13.30 -11.69 -6.63
CA PRO A 100 13.39 -12.68 -7.73
C PRO A 100 12.14 -13.53 -7.91
N LEU A 101 11.29 -13.58 -6.89
CA LEU A 101 10.07 -14.37 -6.93
C LEU A 101 8.94 -13.59 -7.61
N ASN A 102 8.90 -12.28 -7.36
CA ASN A 102 7.76 -11.46 -7.75
C ASN A 102 7.96 -10.61 -9.00
N ASN A 103 9.20 -10.43 -9.42
CA ASN A 103 9.47 -9.56 -10.58
C ASN A 103 8.79 -10.03 -11.87
N LYS A 104 8.90 -11.32 -12.19
CA LYS A 104 8.30 -11.85 -13.42
C LYS A 104 6.78 -11.76 -13.39
N ILE A 105 6.21 -11.87 -12.19
CA ILE A 105 4.77 -11.79 -12.02
C ILE A 105 4.26 -10.39 -12.39
N MET A 106 5.00 -9.36 -11.98
CA MET A 106 4.62 -7.99 -12.31
C MET A 106 4.66 -7.74 -13.82
N ILE A 107 5.67 -8.27 -14.48
CA ILE A 107 5.79 -8.11 -15.92
C ILE A 107 4.58 -8.74 -16.61
N GLU A 108 4.25 -9.97 -16.21
CA GLU A 108 3.12 -10.68 -16.79
C GLU A 108 1.80 -9.93 -16.58
N ILE A 109 1.55 -9.50 -15.35
CA ILE A 109 0.33 -8.77 -15.05
C ILE A 109 0.29 -7.44 -15.82
N GLY A 110 1.42 -6.75 -15.92
CA GLY A 110 1.50 -5.52 -16.67
C GLY A 110 1.02 -5.68 -18.10
N GLY A 111 1.45 -6.74 -18.77
CA GLY A 111 1.03 -6.97 -20.15
C GLY A 111 -0.47 -7.14 -20.26
N HIS A 112 -1.07 -7.85 -19.30
CA HIS A 112 -2.51 -8.07 -19.31
C HIS A 112 -3.30 -6.79 -19.00
N ILE A 113 -2.76 -5.93 -18.14
CA ILE A 113 -3.40 -4.65 -17.89
C ILE A 113 -3.35 -3.78 -19.14
N LYS A 114 -2.20 -3.74 -19.80
CA LYS A 114 -2.06 -2.91 -21.00
C LYS A 114 -3.08 -3.32 -22.06
N LYS A 115 -3.27 -4.61 -22.24
CA LYS A 115 -4.21 -5.09 -23.26
C LYS A 115 -5.66 -4.83 -22.87
N ASN A 116 -6.00 -5.14 -21.62
CA ASN A 116 -7.41 -5.26 -21.23
C ASN A 116 -8.00 -4.05 -20.53
N CYS A 117 -7.19 -3.31 -19.77
CA CYS A 117 -7.72 -2.17 -19.04
C CYS A 117 -6.69 -1.06 -18.87
N PRO A 118 -6.21 -0.53 -19.99
CA PRO A 118 -5.17 0.51 -19.96
C PRO A 118 -5.60 1.80 -19.26
N ASN A 119 -6.90 2.03 -19.10
CA ASN A 119 -7.41 3.23 -18.45
C ASN A 119 -7.78 3.04 -16.97
N ALA A 120 -7.48 1.87 -16.42
CA ALA A 120 -7.77 1.60 -15.02
C ALA A 120 -6.78 2.32 -14.10
N PHE A 121 -7.21 2.54 -12.87
CA PHE A 121 -6.36 3.04 -11.80
C PHE A 121 -5.75 1.82 -11.12
N ILE A 122 -4.42 1.81 -10.97
CA ILE A 122 -3.70 0.63 -10.53
C ILE A 122 -3.06 0.89 -9.16
N ILE A 123 -3.30 -0.03 -8.22
CA ILE A 123 -2.62 -0.02 -6.94
C ILE A 123 -1.77 -1.27 -6.84
N VAL A 124 -0.47 -1.11 -6.67
CA VAL A 124 0.45 -2.22 -6.55
C VAL A 124 0.82 -2.41 -5.09
N VAL A 125 0.79 -3.66 -4.67
CA VAL A 125 1.03 -4.04 -3.28
C VAL A 125 2.22 -4.99 -3.16
N THR A 126 2.33 -5.93 -4.10
CA THR A 126 3.39 -6.93 -4.10
C THR A 126 4.75 -6.37 -3.74
N ASN A 127 5.45 -7.04 -2.83
CA ASN A 127 6.75 -6.60 -2.37
C ASN A 127 7.89 -7.15 -3.23
N PRO A 128 9.04 -6.46 -3.26
CA PRO A 128 9.29 -5.17 -2.62
C PRO A 128 8.60 -4.05 -3.39
N VAL A 129 7.65 -3.39 -2.75
CA VAL A 129 6.63 -2.64 -3.46
C VAL A 129 7.13 -1.46 -4.29
N ASP A 130 8.14 -0.73 -3.82
CA ASP A 130 8.59 0.44 -4.58
C ASP A 130 9.31 0.04 -5.87
N VAL A 131 9.88 -1.16 -5.88
CA VAL A 131 10.46 -1.73 -7.09
C VAL A 131 9.35 -2.27 -7.98
N MET A 132 8.43 -3.02 -7.40
CA MET A 132 7.39 -3.70 -8.16
C MET A 132 6.43 -2.73 -8.82
N VAL A 133 6.13 -1.61 -8.15
CA VAL A 133 5.20 -0.65 -8.72
C VAL A 133 5.79 -0.02 -9.99
N GLN A 134 7.09 0.29 -9.98
CA GLN A 134 7.69 0.87 -11.17
C GLN A 134 7.78 -0.15 -12.30
N LEU A 135 8.10 -1.40 -11.97
CA LEU A 135 8.13 -2.46 -12.97
C LEU A 135 6.76 -2.59 -13.64
N LEU A 136 5.70 -2.56 -12.85
CA LEU A 136 4.35 -2.66 -13.40
C LEU A 136 3.98 -1.41 -14.21
N HIS A 137 4.40 -0.24 -13.75
CA HIS A 137 4.22 0.99 -14.51
C HIS A 137 4.82 0.83 -15.91
N GLN A 138 6.06 0.35 -15.95
CA GLN A 138 6.81 0.19 -17.20
C GLN A 138 6.11 -0.75 -18.17
N HIS A 139 5.60 -1.87 -17.67
CA HIS A 139 5.04 -2.90 -18.53
C HIS A 139 3.56 -2.74 -18.82
N SER A 140 2.85 -1.98 -17.98
CA SER A 140 1.43 -1.72 -18.22
C SER A 140 1.21 -0.53 -19.13
N GLY A 141 2.18 0.38 -19.17
CA GLY A 141 2.08 1.59 -19.97
C GLY A 141 1.11 2.64 -19.47
N VAL A 142 0.57 2.48 -18.26
CA VAL A 142 -0.42 3.45 -17.78
C VAL A 142 0.24 4.78 -17.43
N PRO A 143 -0.52 5.86 -17.46
CA PRO A 143 0.03 7.16 -17.08
C PRO A 143 0.51 7.20 -15.62
N LYS A 144 1.48 8.05 -15.36
CA LYS A 144 2.06 8.19 -14.03
C LYS A 144 1.05 8.57 -12.95
N ASN A 145 -0.02 9.26 -13.33
CA ASN A 145 -1.06 9.63 -12.35
C ASN A 145 -2.06 8.51 -12.08
N LYS A 146 -1.88 7.35 -12.72
CA LYS A 146 -2.85 6.27 -12.63
C LYS A 146 -2.28 5.01 -11.98
N ILE A 147 -1.13 5.12 -11.35
CA ILE A 147 -0.53 3.98 -10.66
C ILE A 147 0.20 4.42 -9.40
N ILE A 148 -0.07 3.73 -8.31
CA ILE A 148 0.58 3.99 -7.03
C ILE A 148 0.89 2.66 -6.33
N GLY A 149 1.81 2.72 -5.39
CA GLY A 149 2.15 1.59 -4.55
C GLY A 149 1.73 1.82 -3.11
N LEU A 150 1.28 0.76 -2.45
CA LEU A 150 1.01 0.79 -1.02
C LEU A 150 2.30 0.91 -0.23
N GLY A 151 2.30 1.79 0.76
CA GLY A 151 3.36 1.84 1.75
C GLY A 151 3.02 2.73 2.91
N GLY A 152 3.05 4.03 2.66
CA GLY A 152 2.98 5.01 3.72
C GLY A 152 1.70 5.01 4.53
N VAL A 153 0.56 4.73 3.91
CA VAL A 153 -0.69 4.67 4.67
C VAL A 153 -0.57 3.58 5.73
N LEU A 154 -0.02 2.44 5.33
CA LEU A 154 0.16 1.31 6.24
C LEU A 154 1.22 1.59 7.30
N ASP A 155 2.40 2.04 6.87
CA ASP A 155 3.48 2.30 7.82
C ASP A 155 3.06 3.35 8.84
N THR A 156 2.44 4.43 8.38
CA THR A 156 2.01 5.46 9.31
C THR A 156 0.84 5.01 10.16
N SER A 157 0.00 4.09 9.69
CA SER A 157 -1.09 3.61 10.56
C SER A 157 -0.51 3.02 11.84
N ARG A 158 0.63 2.35 11.69
CA ARG A 158 1.29 1.72 12.82
C ARG A 158 1.87 2.78 13.77
N LEU A 159 2.62 3.74 13.23
CA LEU A 159 3.19 4.82 14.02
C LEU A 159 2.11 5.63 14.73
N LYS A 160 1.09 6.03 13.98
CA LYS A 160 -0.04 6.78 14.52
C LYS A 160 -0.71 5.99 15.66
N TYR A 161 -0.95 4.71 15.42
CA TYR A 161 -1.62 3.89 16.41
C TYR A 161 -0.81 3.78 17.70
N TYR A 162 0.47 3.45 17.59
CA TYR A 162 1.30 3.27 18.76
C TYR A 162 1.39 4.54 19.59
N ILE A 163 1.52 5.69 18.94
CA ILE A 163 1.54 6.95 19.67
C ILE A 163 0.20 7.21 20.36
N SER A 164 -0.89 6.92 19.66
CA SER A 164 -2.23 7.14 20.22
C SER A 164 -2.46 6.33 21.48
N GLN A 165 -1.87 5.13 21.54
CA GLN A 165 -2.03 4.27 22.71
C GLN A 165 -1.37 4.89 23.94
N LYS A 166 -0.20 5.48 23.74
CA LYS A 166 0.51 6.12 24.84
C LYS A 166 -0.22 7.38 25.31
N LEU A 167 -0.72 8.16 24.35
CA LEU A 167 -1.31 9.46 24.66
C LEU A 167 -2.81 9.40 24.97
N ASN A 168 -3.41 8.24 24.81
CA ASN A 168 -4.84 8.04 25.10
C ASN A 168 -5.72 9.01 24.30
N VAL A 169 -5.46 9.08 23.00
CA VAL A 169 -6.29 9.84 22.07
C VAL A 169 -6.76 8.94 20.94
N CYS A 170 -7.76 9.41 20.21
CA CYS A 170 -8.27 8.68 19.06
C CYS A 170 -7.14 8.43 18.07
N PRO A 171 -6.92 7.18 17.65
CA PRO A 171 -5.81 6.87 16.75
C PRO A 171 -5.67 7.79 15.54
N ARG A 172 -6.75 8.12 14.87
CA ARG A 172 -6.62 8.93 13.68
C ARG A 172 -6.35 10.40 13.97
N ASP A 173 -6.46 10.81 15.24
CA ASP A 173 -6.01 12.15 15.60
C ASP A 173 -4.49 12.30 15.67
N VAL A 174 -3.74 11.21 15.57
CA VAL A 174 -2.30 11.32 15.39
C VAL A 174 -2.03 11.33 13.89
N ASN A 175 -1.23 12.29 13.45
CA ASN A 175 -0.81 12.37 12.06
C ASN A 175 0.71 12.27 12.00
N ALA A 176 1.20 11.62 10.95
CA ALA A 176 2.63 11.32 10.84
C ALA A 176 2.96 11.00 9.40
N HIS A 177 4.23 11.20 9.05
CA HIS A 177 4.76 10.93 7.73
C HIS A 177 5.93 9.96 7.76
N ILE A 178 5.82 8.93 6.92
CA ILE A 178 6.90 7.99 6.68
C ILE A 178 7.05 7.93 5.16
N VAL A 179 8.27 8.17 4.69
CA VAL A 179 8.52 8.42 3.28
C VAL A 179 9.71 7.62 2.76
N GLY A 180 9.93 7.72 1.46
CA GLY A 180 11.10 7.17 0.81
C GLY A 180 10.83 5.80 0.22
N ALA A 181 10.78 4.79 1.08
CA ALA A 181 10.51 3.42 0.65
C ALA A 181 9.80 2.67 1.75
N HIS A 182 9.04 1.67 1.34
CA HIS A 182 8.40 0.74 2.26
C HIS A 182 9.34 -0.45 2.47
N GLY A 183 10.15 -0.35 3.52
CA GLY A 183 11.14 -1.36 3.84
C GLY A 183 11.93 -0.89 5.05
N ASN A 184 13.02 -1.57 5.34
CA ASN A 184 13.76 -1.31 6.56
C ASN A 184 14.39 0.08 6.63
N LYS A 185 14.52 0.77 5.49
CA LYS A 185 15.04 2.13 5.48
C LYS A 185 13.93 3.19 5.33
N MET A 186 12.67 2.80 5.60
CA MET A 186 11.58 3.76 5.65
C MET A 186 11.97 4.92 6.56
N VAL A 187 11.63 6.13 6.14
CA VAL A 187 12.06 7.33 6.84
C VAL A 187 10.93 7.84 7.73
N LEU A 188 11.13 7.73 9.03
CA LEU A 188 10.16 8.18 10.02
C LEU A 188 10.51 9.61 10.40
N LEU A 189 9.69 10.54 9.95
CA LEU A 189 9.99 11.95 10.09
C LEU A 189 9.44 12.51 11.40
N LYS A 190 10.26 12.51 12.44
CA LYS A 190 9.86 12.97 13.77
C LYS A 190 9.25 14.38 13.74
N ARG A 191 9.79 15.27 12.93
CA ARG A 191 9.33 16.65 12.83
C ARG A 191 7.89 16.77 12.32
N TYR A 192 7.43 15.77 11.59
CA TYR A 192 6.13 15.79 10.94
C TYR A 192 5.05 15.00 11.70
N ILE A 193 5.24 14.82 13.01
CA ILE A 193 4.23 14.15 13.82
C ILE A 193 3.41 15.19 14.57
N THR A 194 2.08 15.06 14.49
CA THR A 194 1.18 15.92 15.25
C THR A 194 0.13 15.08 15.94
N VAL A 195 -0.46 15.66 16.98
CA VAL A 195 -1.52 15.02 17.75
C VAL A 195 -2.63 16.06 17.86
N GLY A 196 -3.80 15.75 17.32
CA GLY A 196 -4.84 16.75 17.20
C GLY A 196 -4.36 18.02 16.50
N GLY A 197 -3.44 17.87 15.55
CA GLY A 197 -2.94 19.00 14.80
C GLY A 197 -1.86 19.80 15.51
N ILE A 198 -1.45 19.37 16.71
CA ILE A 198 -0.49 20.05 17.56
C ILE A 198 0.86 19.37 17.39
N PRO A 199 1.96 20.10 17.32
CA PRO A 199 3.26 19.43 17.22
C PRO A 199 3.46 18.43 18.35
N LEU A 200 3.92 17.22 18.02
CA LEU A 200 4.21 16.21 19.02
C LEU A 200 5.18 16.75 20.07
N GLN A 201 6.08 17.66 19.66
CA GLN A 201 7.05 18.20 20.59
C GLN A 201 6.38 18.84 21.82
N GLU A 202 5.18 19.39 21.68
CA GLU A 202 4.50 19.94 22.86
C GLU A 202 4.21 18.85 23.89
N PHE A 203 3.80 17.68 23.42
CA PHE A 203 3.54 16.55 24.29
C PHE A 203 4.82 16.00 24.91
N ILE A 204 5.91 16.05 24.16
CA ILE A 204 7.21 15.67 24.70
C ILE A 204 7.64 16.65 25.79
N ASN A 205 7.48 17.95 25.51
CA ASN A 205 7.82 18.97 26.49
C ASN A 205 7.04 18.80 27.80
N ASN A 206 5.78 18.37 27.68
CA ASN A 206 4.91 18.14 28.83
C ASN A 206 5.12 16.78 29.51
N LYS A 207 6.10 16.03 29.04
CA LYS A 207 6.47 14.72 29.60
C LYS A 207 5.31 13.72 29.53
N LEU A 208 4.49 13.85 28.49
CA LEU A 208 3.40 12.91 28.23
C LEU A 208 3.88 11.74 27.38
N ILE A 209 4.94 11.97 26.61
CA ILE A 209 5.66 10.91 25.91
C ILE A 209 7.09 11.41 25.77
N SER A 210 8.06 10.54 25.98
CA SER A 210 9.45 10.97 25.97
C SER A 210 10.09 10.70 24.61
N ASP A 211 11.22 11.35 24.38
CA ASP A 211 12.01 11.08 23.19
C ASP A 211 12.44 9.61 23.12
N ALA A 212 12.79 9.02 24.25
CA ALA A 212 13.19 7.62 24.29
C ALA A 212 12.01 6.69 23.97
N GLU A 213 10.83 7.01 24.48
CA GLU A 213 9.64 6.26 24.14
C GLU A 213 9.36 6.32 22.65
N LEU A 214 9.53 7.50 22.06
CA LEU A 214 9.29 7.67 20.64
C LEU A 214 10.30 6.87 19.82
N GLU A 215 11.55 6.84 20.25
CA GLU A 215 12.57 6.03 19.58
C GLU A 215 12.16 4.57 19.55
N ALA A 216 11.64 4.07 20.66
CA ALA A 216 11.21 2.68 20.73
C ALA A 216 10.00 2.45 19.81
N ILE A 217 9.08 3.41 19.76
CA ILE A 217 7.94 3.34 18.86
C ILE A 217 8.38 3.35 17.39
N PHE A 218 9.40 4.14 17.07
CA PHE A 218 9.92 4.18 15.71
C PHE A 218 10.47 2.81 15.33
N ASP A 219 11.29 2.24 16.20
CA ASP A 219 11.85 0.91 15.93
C ASP A 219 10.72 -0.12 15.78
N ARG A 220 9.72 -0.04 16.66
CA ARG A 220 8.60 -0.96 16.59
C ARG A 220 7.86 -0.83 15.26
N THR A 221 7.68 0.40 14.80
CA THR A 221 7.01 0.67 13.53
C THR A 221 7.78 0.04 12.38
N VAL A 222 9.09 0.27 12.32
CA VAL A 222 9.89 -0.27 11.23
C VAL A 222 9.80 -1.80 11.23
N ASN A 223 9.85 -2.39 12.41
CA ASN A 223 9.89 -3.84 12.52
C ASN A 223 8.54 -4.51 12.70
N THR A 224 7.44 -3.77 12.48
CA THR A 224 6.12 -4.32 12.72
C THR A 224 5.80 -5.53 11.84
N ALA A 225 6.11 -5.45 10.54
CA ALA A 225 5.81 -6.58 9.65
C ALA A 225 6.59 -7.82 10.09
N LEU A 226 7.87 -7.64 10.40
CA LEU A 226 8.70 -8.73 10.87
C LEU A 226 8.15 -9.33 12.16
N GLU A 227 7.69 -8.47 13.06
CA GLU A 227 7.09 -8.92 14.32
C GLU A 227 5.86 -9.78 14.06
N ILE A 228 4.99 -9.34 13.16
CA ILE A 228 3.78 -10.08 12.85
C ILE A 228 4.11 -11.38 12.10
N VAL A 229 5.09 -11.34 11.20
CA VAL A 229 5.55 -12.55 10.51
C VAL A 229 5.98 -13.62 11.51
N ASN A 230 6.69 -13.19 12.55
CA ASN A 230 7.22 -14.15 13.52
C ASN A 230 6.15 -14.65 14.49
N LEU A 231 5.10 -13.85 14.70
CA LEU A 231 3.98 -14.25 15.54
C LEU A 231 2.94 -15.10 14.80
N HIS A 232 2.82 -14.89 13.49
CA HIS A 232 1.65 -15.38 12.73
C HIS A 232 1.93 -15.53 11.24
N ALA A 233 2.04 -14.42 10.51
CA ALA A 233 2.05 -14.43 9.05
C ALA A 233 2.43 -13.06 8.54
N SER A 234 2.78 -12.99 7.26
CA SER A 234 2.93 -11.71 6.58
C SER A 234 1.62 -10.91 6.76
N PRO A 235 1.69 -9.65 7.20
CA PRO A 235 0.47 -8.92 7.55
C PRO A 235 -0.55 -8.79 6.41
N TYR A 236 -1.83 -8.79 6.75
CA TYR A 236 -2.86 -8.69 5.73
C TYR A 236 -4.07 -7.85 6.06
N VAL A 237 -4.50 -7.77 7.32
CA VAL A 237 -5.70 -7.01 7.64
C VAL A 237 -5.46 -5.51 7.47
N ALA A 238 -4.42 -4.97 8.09
CA ALA A 238 -4.14 -3.55 7.96
C ALA A 238 -3.68 -3.19 6.54
N PRO A 239 -2.85 -3.99 5.89
CA PRO A 239 -2.58 -3.73 4.47
C PRO A 239 -3.87 -3.59 3.66
N ALA A 240 -4.80 -4.52 3.81
CA ALA A 240 -6.08 -4.45 3.09
C ALA A 240 -6.83 -3.16 3.39
N ALA A 241 -6.93 -2.79 4.66
CA ALA A 241 -7.66 -1.58 5.03
C ALA A 241 -6.99 -0.35 4.43
N ALA A 242 -5.68 -0.30 4.45
CA ALA A 242 -4.94 0.82 3.88
C ALA A 242 -5.20 0.92 2.37
N ILE A 243 -5.17 -0.21 1.69
CA ILE A 243 -5.41 -0.23 0.24
C ILE A 243 -6.82 0.25 -0.07
N ILE A 244 -7.79 -0.21 0.71
CA ILE A 244 -9.16 0.19 0.46
C ILE A 244 -9.35 1.69 0.77
N GLU A 245 -8.65 2.23 1.76
CA GLU A 245 -8.71 3.67 1.99
C GLU A 245 -8.23 4.43 0.74
N MET A 246 -7.15 3.95 0.14
CA MET A 246 -6.62 4.54 -1.08
C MET A 246 -7.60 4.42 -2.25
N ALA A 247 -8.12 3.22 -2.47
CA ALA A 247 -9.04 2.97 -3.57
C ALA A 247 -10.31 3.78 -3.41
N GLU A 248 -10.80 3.88 -2.19
CA GLU A 248 -12.00 4.64 -1.91
C GLU A 248 -11.81 6.13 -2.19
N SER A 249 -10.65 6.67 -1.86
CA SER A 249 -10.39 8.08 -2.13
C SER A 249 -10.45 8.37 -3.62
N TYR A 250 -9.93 7.45 -4.42
CA TYR A 250 -10.02 7.53 -5.87
C TYR A 250 -11.48 7.44 -6.34
N LEU A 251 -12.16 6.37 -5.91
CA LEU A 251 -13.50 6.07 -6.41
C LEU A 251 -14.52 7.14 -6.06
N LYS A 252 -14.39 7.73 -4.87
CA LYS A 252 -15.36 8.72 -4.38
C LYS A 252 -14.87 10.15 -4.51
N ASP A 253 -13.70 10.33 -5.13
CA ASP A 253 -13.13 11.66 -5.32
C ASP A 253 -13.03 12.42 -3.98
N LEU A 254 -12.50 11.74 -2.97
CA LEU A 254 -12.34 12.34 -1.65
C LEU A 254 -11.18 13.33 -1.57
N LYS A 255 -10.16 13.16 -2.42
CA LYS A 255 -8.98 14.02 -2.42
C LYS A 255 -8.24 13.98 -1.08
N LYS A 256 -8.23 12.81 -0.46
CA LYS A 256 -7.42 12.61 0.73
C LYS A 256 -5.94 12.71 0.40
N VAL A 257 -5.20 13.26 1.36
CA VAL A 257 -3.74 13.20 1.34
C VAL A 257 -3.33 11.87 1.97
N LEU A 258 -2.69 11.03 1.16
CA LEU A 258 -2.29 9.68 1.57
C LEU A 258 -0.88 9.43 1.06
N ILE A 259 -0.01 8.87 1.89
CA ILE A 259 1.37 8.62 1.48
C ILE A 259 1.43 7.31 0.70
N CYS A 260 1.85 7.41 -0.55
CA CYS A 260 1.92 6.27 -1.45
C CYS A 260 3.20 6.35 -2.27
N SER A 261 3.57 5.22 -2.87
CA SER A 261 4.70 5.19 -3.77
C SER A 261 4.27 5.69 -5.15
N THR A 262 4.96 6.70 -5.66
CA THR A 262 4.58 7.35 -6.91
C THR A 262 5.84 7.75 -7.67
N LEU A 263 5.70 7.95 -8.97
CA LEU A 263 6.84 8.33 -9.80
C LEU A 263 7.35 9.71 -9.40
N LEU A 264 8.63 9.79 -9.05
CA LEU A 264 9.29 11.05 -8.74
C LEU A 264 9.90 11.60 -10.02
N GLU A 265 9.75 12.91 -10.20
CA GLU A 265 10.25 13.63 -11.37
C GLU A 265 11.04 14.87 -10.95
N GLY A 266 11.80 14.71 -9.87
CA GLY A 266 12.66 15.77 -9.37
C GLY A 266 12.44 16.10 -7.91
N GLN A 267 11.32 15.65 -7.35
CA GLN A 267 11.05 15.88 -5.93
C GLN A 267 12.15 15.18 -5.12
N TYR A 268 12.61 15.87 -4.09
CA TYR A 268 13.67 15.37 -3.21
C TYR A 268 14.99 15.15 -3.94
N GLY A 269 15.13 15.71 -5.14
CA GLY A 269 16.31 15.49 -5.96
C GLY A 269 16.34 14.17 -6.71
N HIS A 270 15.20 13.48 -6.80
CA HIS A 270 15.11 12.16 -7.42
C HIS A 270 14.17 12.12 -8.59
N SER A 271 14.61 11.45 -9.65
CA SER A 271 13.81 11.20 -10.84
C SER A 271 13.96 9.76 -11.26
N ASP A 272 13.06 9.33 -12.14
CA ASP A 272 13.14 8.03 -12.81
C ASP A 272 13.04 6.85 -11.84
N ILE A 273 12.34 7.08 -10.73
CA ILE A 273 12.19 6.09 -9.67
C ILE A 273 10.89 6.39 -8.94
N PHE A 274 10.30 5.36 -8.33
CA PHE A 274 9.14 5.54 -7.45
C PHE A 274 9.59 5.63 -6.00
N GLY A 275 8.94 6.50 -5.23
CA GLY A 275 9.17 6.57 -3.81
C GLY A 275 7.97 7.07 -3.06
N GLY A 276 7.97 6.81 -1.76
CA GLY A 276 6.85 7.16 -0.91
C GLY A 276 6.83 8.63 -0.55
N THR A 277 5.69 9.26 -0.79
CA THR A 277 5.49 10.67 -0.47
C THR A 277 4.00 10.93 -0.38
N PRO A 278 3.56 11.93 0.39
CA PRO A 278 2.14 12.30 0.35
C PRO A 278 1.69 12.65 -1.06
N VAL A 279 0.55 12.11 -1.44
CA VAL A 279 -0.13 12.45 -2.69
C VAL A 279 -1.60 12.71 -2.38
N VAL A 280 -2.28 13.38 -3.29
CA VAL A 280 -3.72 13.59 -3.20
C VAL A 280 -4.38 12.64 -4.18
N LEU A 281 -5.27 11.78 -3.69
CA LEU A 281 -5.98 10.82 -4.52
C LEU A 281 -7.43 11.24 -4.71
N GLY A 282 -7.82 11.44 -5.96
CA GLY A 282 -9.17 11.76 -6.32
C GLY A 282 -9.54 11.14 -7.64
N ALA A 283 -10.61 11.66 -8.23
CA ALA A 283 -11.14 11.09 -9.47
C ALA A 283 -10.15 11.07 -10.63
N ASN A 284 -9.17 11.97 -10.63
CA ASN A 284 -8.15 11.98 -11.68
C ASN A 284 -6.88 11.22 -11.26
N GLY A 285 -7.01 10.32 -10.29
CA GLY A 285 -5.90 9.52 -9.80
C GLY A 285 -5.04 10.30 -8.85
N VAL A 286 -3.73 10.31 -9.10
CA VAL A 286 -2.81 11.13 -8.34
C VAL A 286 -2.97 12.56 -8.85
N GLU A 287 -3.71 13.35 -8.11
CA GLU A 287 -4.01 14.72 -8.52
C GLU A 287 -2.91 15.69 -8.17
N GLN A 288 -2.17 15.38 -7.12
CA GLN A 288 -1.05 16.19 -6.68
C GLN A 288 -0.02 15.29 -6.05
N VAL A 289 1.26 15.53 -6.35
CA VAL A 289 2.36 14.93 -5.62
C VAL A 289 2.89 16.01 -4.69
N ILE A 290 2.79 15.76 -3.39
CA ILE A 290 3.23 16.73 -2.41
C ILE A 290 4.66 16.42 -2.00
N GLU A 291 5.54 17.40 -2.20
CA GLU A 291 6.94 17.28 -1.81
C GLU A 291 7.15 17.94 -0.46
N LEU A 292 7.44 17.14 0.56
CA LEU A 292 7.75 17.69 1.86
C LEU A 292 9.04 18.49 1.78
N GLN A 293 9.08 19.62 2.48
CA GLN A 293 10.24 20.49 2.47
C GLN A 293 11.23 20.00 3.52
N LEU A 294 11.83 18.87 3.20
CA LEU A 294 12.76 18.20 4.09
C LEU A 294 14.01 19.04 4.30
N ASN A 295 14.55 18.99 5.52
CA ASN A 295 15.86 19.58 5.75
C ASN A 295 16.93 18.62 5.26
N SER A 296 18.18 19.05 5.32
CA SER A 296 19.26 18.31 4.70
C SER A 296 19.45 16.93 5.32
N GLU A 297 19.25 16.85 6.63
CA GLU A 297 19.44 15.59 7.33
C GLU A 297 18.31 14.61 7.01
N GLU A 298 17.08 15.11 6.94
CA GLU A 298 15.94 14.30 6.53
C GLU A 298 16.10 13.81 5.10
N LYS A 299 16.60 14.69 4.22
CA LYS A 299 16.85 14.31 2.84
C LYS A 299 17.89 13.20 2.74
N ALA A 300 18.92 13.24 3.58
CA ALA A 300 19.93 12.19 3.54
C ALA A 300 19.30 10.84 3.85
N LYS A 301 18.36 10.81 4.79
CA LYS A 301 17.63 9.59 5.09
C LYS A 301 16.75 9.16 3.91
N PHE A 302 16.08 10.11 3.27
CA PHE A 302 15.31 9.84 2.07
C PHE A 302 16.19 9.18 1.00
N ASP A 303 17.38 9.74 0.80
CA ASP A 303 18.31 9.22 -0.20
C ASP A 303 18.69 7.77 0.11
N GLU A 304 18.89 7.45 1.38
CA GLU A 304 19.22 6.08 1.77
C GLU A 304 18.10 5.11 1.42
N ALA A 305 16.86 5.55 1.60
CA ALA A 305 15.70 4.73 1.23
C ALA A 305 15.64 4.49 -0.28
N ILE A 306 15.75 5.57 -1.06
CA ILE A 306 15.69 5.47 -2.52
C ILE A 306 16.83 4.60 -3.03
N ALA A 307 17.99 4.66 -2.38
CA ALA A 307 19.13 3.88 -2.81
C ALA A 307 18.83 2.39 -2.77
N GLU A 308 18.06 1.95 -1.79
CA GLU A 308 17.67 0.55 -1.71
C GLU A 308 16.77 0.14 -2.88
N THR A 309 15.78 0.97 -3.19
CA THR A 309 14.92 0.74 -4.33
C THR A 309 15.73 0.64 -5.62
N LYS A 310 16.67 1.57 -5.77
CA LYS A 310 17.53 1.65 -6.95
C LYS A 310 18.40 0.38 -7.07
N ARG A 311 18.95 -0.05 -5.94
CA ARG A 311 19.81 -1.22 -5.91
C ARG A 311 19.06 -2.44 -6.41
N MET A 312 17.85 -2.63 -5.91
CA MET A 312 17.05 -3.79 -6.29
C MET A 312 16.53 -3.70 -7.73
N LYS A 313 16.21 -2.49 -8.18
CA LYS A 313 15.79 -2.28 -9.57
C LYS A 313 16.85 -2.75 -10.54
N ALA A 314 18.11 -2.54 -10.20
CA ALA A 314 19.24 -3.01 -10.99
C ALA A 314 19.33 -4.55 -10.97
N LEU A 315 18.99 -5.17 -9.85
CA LEU A 315 18.93 -6.63 -9.74
C LEU A 315 17.73 -7.25 -10.48
N ALA A 316 16.67 -6.46 -10.68
CA ALA A 316 15.44 -6.95 -11.29
C ALA A 316 15.62 -7.18 -12.79
C1 OXL B . 4.58 -5.74 4.64
C2 OXL B . 3.97 -4.93 5.68
O1 OXL B . 4.53 -6.98 4.72
O2 OXL B . 4.55 -3.89 6.05
O3 OXL B . 5.16 -5.16 3.69
O4 OXL B . 2.88 -5.31 6.20
PA NAD C . -0.72 -14.40 -0.32
O1A NAD C . -1.74 -14.78 0.66
O2A NAD C . 0.39 -15.41 -0.56
O5B NAD C . -1.49 -14.07 -1.68
C5B NAD C . -0.80 -13.87 -2.90
C4B NAD C . -1.62 -14.52 -4.00
O4B NAD C . -1.02 -14.22 -5.25
C3B NAD C . -1.69 -16.04 -3.88
O3B NAD C . -3.02 -16.49 -3.69
C2B NAD C . -1.07 -16.53 -5.20
O2B NAD C . -1.64 -17.72 -5.72
C1B NAD C . -1.34 -15.32 -6.08
N9A NAD C . -0.61 -15.25 -7.35
C8A NAD C . 0.65 -15.67 -7.69
N7A NAD C . 0.87 -15.36 -8.99
C5A NAD C . -0.25 -14.76 -9.48
C6A NAD C . -0.59 -14.23 -10.72
N6A NAD C . 0.24 -14.26 -11.75
N1A NAD C . -1.84 -13.64 -10.88
C2A NAD C . -2.71 -13.61 -9.82
N3A NAD C . -2.38 -14.12 -8.60
C4A NAD C . -1.16 -14.69 -8.45
O3 NAD C . -0.02 -13.01 0.06
PN NAD C . -0.65 -11.69 0.72
O1N NAD C . -1.96 -11.39 0.10
O2N NAD C . -0.55 -11.77 2.19
O5D NAD C . 0.45 -10.62 0.24
C5D NAD C . 0.53 -10.33 -1.13
C4D NAD C . 1.75 -9.48 -1.45
O4D NAD C . 1.64 -8.22 -0.80
C3D NAD C . 3.07 -10.08 -1.00
O3D NAD C . 4.05 -9.87 -2.00
C2D NAD C . 3.41 -9.30 0.25
O2D NAD C . 4.78 -9.31 0.55
C1D NAD C . 2.85 -7.94 -0.15
N1N NAD C . 2.61 -6.97 0.93
C2N NAD C . 2.84 -5.66 0.65
C3N NAD C . 2.60 -4.69 1.61
C7N NAD C . 2.87 -3.26 1.28
O7N NAD C . 2.69 -2.34 2.27
N7N NAD C . 3.26 -2.86 0.08
C4N NAD C . 2.12 -5.07 2.86
C5N NAD C . 1.87 -6.42 3.13
C6N NAD C . 2.12 -7.35 2.14
C1 GOL D . -1.78 12.80 5.65
O1 GOL D . -3.13 12.97 5.35
C2 GOL D . -1.50 11.37 6.09
O2 GOL D . -2.19 11.08 7.27
C3 GOL D . -0.01 11.21 6.33
O3 GOL D . 0.20 9.89 6.79
#